data_7KV5
#
_entry.id   7KV5
#
_cell.length_a   59.533
_cell.length_b   77.619
_cell.length_c   146.621
_cell.angle_alpha   90.000
_cell.angle_beta   90.000
_cell.angle_gamma   90.000
#
_symmetry.space_group_name_H-M   'I 2 2 2'
#
loop_
_entity.id
_entity.type
_entity.pdbx_description
1 polymer 'PKD domain protein'
2 non-polymer GUANIDINE
3 non-polymer DI(HYDROXYETHYL)ETHER
4 water water
#
_entity_poly.entity_id   1
_entity_poly.type   'polypeptide(L)'
_entity_poly.pdbx_seq_one_letter_code
;MKNIFKIGLFALVTAFAMTSCDPQDGDDHSLGVKPQESQLSFTATPGSNPNVVTLKNTSSLKGLVVTWDLGNGVTAKGEE
VVASYPFANTYTIAMTAYNTGGSTTITQTITIANNDESQIEPKAIILAGGLTGSKTWVFDRAHDGHFGVGPGAGNPDYNG
TPSWWSCPAEGKAECALYENEFSFHLDGGYNMTWVNKGKIYTNGAGKDKLPGVATVPGAGDFDVEYIPKEAYTFTVDGDK
LKLSDDAFFGHFAGTSTYTIKTLNENELYLECSSAVESGNGWWYRFVPKK
;
_entity_poly.pdbx_strand_id   AAA
#
loop_
_chem_comp.id
_chem_comp.type
_chem_comp.name
_chem_comp.formula
GAI non-polymer GUANIDINE 'C H5 N3'
PEG non-polymer DI(HYDROXYETHYL)ETHER 'C4 H10 O3'
#
# COMPACT_ATOMS: atom_id res chain seq x y z
N SER A 38 -8.10 -21.87 -36.28
CA SER A 38 -9.41 -22.58 -36.40
C SER A 38 -9.34 -23.93 -35.67
N GLN A 39 -8.13 -24.44 -35.50
CA GLN A 39 -7.86 -25.71 -34.79
C GLN A 39 -7.70 -25.44 -33.28
N LEU A 40 -7.20 -24.27 -32.88
CA LEU A 40 -6.90 -23.97 -31.45
C LEU A 40 -8.17 -23.49 -30.76
N SER A 41 -8.44 -24.02 -29.57
CA SER A 41 -9.48 -23.50 -28.64
C SER A 41 -9.14 -23.92 -27.20
N PHE A 42 -9.59 -23.12 -26.25
CA PHE A 42 -9.54 -23.47 -24.80
C PHE A 42 -10.83 -22.97 -24.15
N THR A 43 -11.19 -23.58 -23.01
CA THR A 43 -12.27 -23.08 -22.14
C THR A 43 -11.61 -22.48 -20.89
N ALA A 44 -12.21 -21.42 -20.36
CA ALA A 44 -11.82 -20.74 -19.10
C ALA A 44 -13.04 -20.89 -18.20
N THR A 45 -13.00 -21.87 -17.29
CA THR A 45 -14.18 -22.25 -16.49
C THR A 45 -13.98 -21.81 -15.04
N PRO A 46 -14.72 -20.78 -14.57
CA PRO A 46 -14.71 -20.43 -13.15
C PRO A 46 -15.22 -21.58 -12.29
N GLY A 47 -14.61 -21.81 -11.13
CA GLY A 47 -15.02 -22.89 -10.23
C GLY A 47 -16.07 -22.44 -9.25
N SER A 48 -16.36 -23.29 -8.27
CA SER A 48 -17.26 -22.94 -7.15
C SER A 48 -16.70 -21.67 -6.48
N ASN A 49 -15.38 -21.52 -6.41
CA ASN A 49 -14.70 -20.22 -6.19
C ASN A 49 -14.45 -19.63 -7.56
N PRO A 50 -15.21 -18.60 -7.99
CA PRO A 50 -15.07 -18.09 -9.36
C PRO A 50 -13.74 -17.36 -9.61
N ASN A 51 -12.98 -17.05 -8.54
CA ASN A 51 -11.63 -16.41 -8.61
C ASN A 51 -10.59 -17.45 -8.97
N VAL A 52 -10.98 -18.72 -8.97
CA VAL A 52 -10.11 -19.85 -9.37
C VAL A 52 -10.72 -20.45 -10.63
N VAL A 53 -9.99 -20.35 -11.73
CA VAL A 53 -10.49 -20.64 -13.09
C VAL A 53 -9.67 -21.78 -13.67
N THR A 54 -10.35 -22.76 -14.24
CA THR A 54 -9.71 -23.91 -14.89
C THR A 54 -9.58 -23.61 -16.39
N LEU A 55 -8.36 -23.63 -16.91
CA LEU A 55 -8.03 -23.45 -18.33
C LEU A 55 -7.79 -24.84 -18.92
N LYS A 56 -8.62 -25.23 -19.90
CA LYS A 56 -8.54 -26.55 -20.58
C LYS A 56 -8.32 -26.31 -22.08
N ASN A 57 -7.21 -26.78 -22.62
CA ASN A 57 -6.99 -26.90 -24.08
C ASN A 57 -8.11 -27.75 -24.68
N THR A 58 -8.87 -27.22 -25.62
CA THR A 58 -9.92 -27.97 -26.36
C THR A 58 -9.59 -28.02 -27.87
N SER A 59 -8.32 -27.82 -28.24
CA SER A 59 -7.87 -27.69 -29.64
C SER A 59 -8.15 -28.99 -30.43
N SER A 60 -8.38 -28.87 -31.73
CA SER A 60 -8.57 -29.98 -32.70
C SER A 60 -7.21 -30.51 -33.18
N LEU A 61 -6.27 -30.74 -32.27
CA LEU A 61 -4.90 -31.25 -32.56
C LEU A 61 -4.60 -32.35 -31.53
N LYS A 62 -3.65 -33.25 -31.80
CA LYS A 62 -3.38 -34.43 -30.93
C LYS A 62 -2.38 -33.99 -29.86
N VAL A 66 1.48 -27.35 -24.89
CA VAL A 66 0.57 -26.18 -24.67
C VAL A 66 1.02 -25.40 -23.41
N THR A 67 1.32 -24.11 -23.58
CA THR A 67 1.73 -23.21 -22.47
C THR A 67 0.75 -22.07 -22.33
N TRP A 68 0.84 -21.37 -21.20
CA TRP A 68 -0.22 -20.43 -20.77
C TRP A 68 0.43 -19.22 -20.12
N ASP A 69 -0.09 -18.06 -20.47
CA ASP A 69 0.08 -16.81 -19.72
C ASP A 69 -1.25 -16.51 -19.04
N LEU A 70 -1.33 -16.60 -17.71
CA LEU A 70 -2.63 -16.47 -17.00
C LEU A 70 -3.00 -14.98 -16.80
N GLY A 71 -2.11 -14.05 -17.15
CA GLY A 71 -2.42 -12.59 -17.17
C GLY A 71 -2.34 -11.98 -15.79
N ASN A 72 -1.80 -12.72 -14.81
CA ASN A 72 -1.68 -12.34 -13.38
C ASN A 72 -0.20 -12.39 -12.96
N GLY A 73 0.74 -12.50 -13.90
CA GLY A 73 2.16 -12.72 -13.59
C GLY A 73 2.56 -14.20 -13.51
N VAL A 74 1.63 -15.13 -13.64
CA VAL A 74 1.89 -16.60 -13.59
C VAL A 74 1.83 -17.16 -15.01
N THR A 75 2.76 -18.06 -15.34
CA THR A 75 2.76 -18.88 -16.56
C THR A 75 2.68 -20.36 -16.16
N ALA A 76 2.18 -21.19 -17.06
CA ALA A 76 1.96 -22.63 -16.81
C ALA A 76 2.10 -23.41 -18.11
N LYS A 77 2.23 -24.72 -17.98
CA LYS A 77 2.41 -25.69 -19.10
C LYS A 77 1.65 -26.95 -18.71
N GLY A 78 0.74 -27.38 -19.57
CA GLY A 78 -0.12 -28.55 -19.34
C GLY A 78 -1.40 -28.44 -20.11
N GLU A 79 -2.09 -29.56 -20.28
CA GLU A 79 -3.34 -29.60 -21.07
C GLU A 79 -4.41 -28.85 -20.26
N GLU A 80 -4.33 -28.88 -18.92
CA GLU A 80 -5.38 -28.31 -18.04
C GLU A 80 -4.67 -27.73 -16.80
N VAL A 81 -4.83 -26.44 -16.59
CA VAL A 81 -4.11 -25.70 -15.52
C VAL A 81 -5.13 -24.83 -14.79
N VAL A 82 -4.79 -24.40 -13.59
CA VAL A 82 -5.70 -23.59 -12.75
C VAL A 82 -5.03 -22.23 -12.51
N ALA A 83 -5.82 -21.18 -12.64
CA ALA A 83 -5.41 -19.78 -12.46
C ALA A 83 -6.15 -19.24 -11.24
N SER A 84 -5.49 -18.45 -10.41
CA SER A 84 -6.13 -17.82 -9.25
C SER A 84 -5.95 -16.31 -9.37
N TYR A 85 -7.05 -15.57 -9.23
CA TYR A 85 -7.08 -14.10 -9.29
C TYR A 85 -7.68 -13.56 -7.98
N PRO A 86 -6.85 -13.14 -7.01
CA PRO A 86 -7.40 -12.52 -5.81
C PRO A 86 -8.30 -11.30 -6.08
N PHE A 87 -7.95 -10.49 -7.08
CA PHE A 87 -8.57 -9.16 -7.33
C PHE A 87 -9.54 -9.23 -8.51
N ALA A 88 -10.76 -8.75 -8.27
CA ALA A 88 -11.70 -8.39 -9.35
C ALA A 88 -10.98 -7.53 -10.38
N ASN A 89 -11.04 -7.94 -11.63
CA ASN A 89 -10.51 -7.22 -12.81
C ASN A 89 -10.85 -8.01 -14.05
N THR A 90 -10.47 -7.48 -15.21
CA THR A 90 -10.44 -8.24 -16.46
C THR A 90 -9.01 -8.68 -16.72
N TYR A 91 -8.80 -9.93 -17.10
CA TYR A 91 -7.44 -10.45 -17.38
C TYR A 91 -7.45 -11.06 -18.79
N THR A 92 -6.28 -11.11 -19.43
CA THR A 92 -6.05 -11.77 -20.72
C THR A 92 -5.35 -13.10 -20.46
N ILE A 93 -5.95 -14.19 -20.92
CA ILE A 93 -5.33 -15.54 -20.89
C ILE A 93 -4.80 -15.84 -22.29
N ALA A 94 -3.53 -16.22 -22.40
CA ALA A 94 -2.89 -16.60 -23.68
C ALA A 94 -2.49 -18.06 -23.63
N MET A 95 -2.98 -18.86 -24.59
CA MET A 95 -2.57 -20.29 -24.80
C MET A 95 -1.70 -20.36 -26.06
N THR A 96 -0.43 -20.76 -25.88
CA THR A 96 0.55 -20.94 -26.97
C THR A 96 0.81 -22.43 -27.19
N ALA A 97 0.28 -22.98 -28.28
CA ALA A 97 0.64 -24.31 -28.84
C ALA A 97 2.06 -24.22 -29.42
N TYR A 98 3.00 -25.05 -28.93
CA TYR A 98 4.43 -25.07 -29.36
C TYR A 98 4.75 -26.48 -29.85
N SER A 103 4.67 -22.20 -32.84
CA SER A 103 4.08 -21.35 -31.77
C SER A 103 3.02 -20.42 -32.37
N THR A 104 1.74 -20.82 -32.31
CA THR A 104 0.55 -19.98 -32.61
C THR A 104 -0.24 -19.70 -31.30
N THR A 105 0.03 -18.56 -30.63
CA THR A 105 -0.67 -18.09 -29.40
C THR A 105 -2.09 -17.60 -29.76
N ILE A 106 -3.13 -18.07 -29.04
CA ILE A 106 -4.55 -17.58 -29.04
C ILE A 106 -4.88 -16.96 -27.66
N THR A 107 -5.86 -16.05 -27.56
CA THR A 107 -6.17 -15.33 -26.29
C THR A 107 -7.67 -15.24 -26.05
N GLN A 108 -8.02 -15.00 -24.79
CA GLN A 108 -9.39 -14.68 -24.33
C GLN A 108 -9.21 -13.71 -23.17
N THR A 109 -10.21 -12.88 -22.93
CA THR A 109 -10.25 -12.07 -21.69
C THR A 109 -11.26 -12.76 -20.79
N ILE A 110 -11.09 -12.58 -19.50
CA ILE A 110 -12.05 -13.09 -18.50
C ILE A 110 -12.27 -11.97 -17.50
N THR A 111 -13.47 -11.87 -16.96
CA THR A 111 -13.85 -10.90 -15.92
C THR A 111 -14.06 -11.65 -14.61
N ILE A 112 -13.27 -11.30 -13.60
CA ILE A 112 -13.42 -11.81 -12.21
C ILE A 112 -14.26 -10.75 -11.52
N ALA A 113 -15.42 -11.11 -10.99
CA ALA A 113 -16.42 -10.11 -10.55
C ALA A 113 -16.05 -9.51 -9.18
N ASN A 114 -15.46 -10.28 -8.27
CA ASN A 114 -15.37 -9.82 -6.85
C ASN A 114 -14.03 -10.26 -6.26
N ASN A 115 -13.49 -9.41 -5.38
CA ASN A 115 -12.28 -9.68 -4.59
C ASN A 115 -12.54 -10.94 -3.72
N ASP A 116 -11.55 -11.82 -3.65
CA ASP A 116 -11.52 -13.06 -2.84
C ASP A 116 -10.72 -12.81 -1.57
N GLU A 117 -11.43 -12.60 -0.45
CA GLU A 117 -10.86 -12.38 0.91
C GLU A 117 -9.84 -13.46 1.28
N SER A 118 -10.04 -14.71 0.85
CA SER A 118 -9.18 -15.87 1.21
C SER A 118 -7.78 -15.69 0.60
N GLN A 119 -7.61 -14.80 -0.38
CA GLN A 119 -6.34 -14.63 -1.12
C GLN A 119 -5.77 -13.22 -0.89
N ILE A 120 -6.32 -12.45 0.04
CA ILE A 120 -5.97 -11.02 0.24
C ILE A 120 -5.48 -10.84 1.69
N GLU A 121 -4.34 -10.15 1.86
CA GLU A 121 -3.80 -9.80 3.20
C GLU A 121 -4.92 -9.28 4.10
N PRO A 122 -5.12 -9.91 5.27
CA PRO A 122 -6.11 -9.42 6.22
C PRO A 122 -5.92 -7.94 6.59
N LYS A 123 -4.69 -7.51 6.80
CA LYS A 123 -4.41 -6.11 7.23
C LYS A 123 -4.79 -5.14 6.12
N ALA A 124 -4.61 -5.51 4.86
CA ALA A 124 -4.99 -4.69 3.68
C ALA A 124 -6.51 -4.42 3.69
N ILE A 125 -7.29 -5.41 4.12
CA ILE A 125 -8.78 -5.29 4.17
C ILE A 125 -9.17 -4.31 5.27
N ILE A 126 -8.48 -4.34 6.41
CA ILE A 126 -8.71 -3.35 7.50
C ILE A 126 -8.35 -1.97 6.94
N LEU A 127 -7.21 -1.81 6.27
CA LEU A 127 -6.76 -0.47 5.79
C LEU A 127 -7.81 0.10 4.83
N ALA A 128 -8.39 -0.73 3.95
CA ALA A 128 -9.32 -0.31 2.87
C ALA A 128 -10.74 -0.21 3.44
N GLY A 129 -10.96 -0.68 4.66
CA GLY A 129 -12.29 -0.64 5.31
C GLY A 129 -13.25 -1.71 4.76
N GLY A 130 -12.74 -2.69 4.03
CA GLY A 130 -13.56 -3.71 3.36
C GLY A 130 -12.99 -4.09 2.01
N LEU A 131 -13.61 -5.07 1.37
CA LEU A 131 -13.22 -5.63 0.05
C LEU A 131 -13.57 -4.67 -1.09
N THR A 132 -14.52 -3.77 -0.84
CA THR A 132 -15.00 -2.75 -1.80
C THR A 132 -14.89 -1.41 -1.10
N GLY A 133 -15.00 -0.38 -1.89
CA GLY A 133 -14.87 1.01 -1.46
C GLY A 133 -13.47 1.32 -0.97
N SER A 134 -13.39 2.33 -0.14
CA SER A 134 -12.15 3.08 0.17
C SER A 134 -12.25 3.52 1.62
N LYS A 135 -11.10 3.66 2.28
CA LYS A 135 -11.07 4.20 3.66
C LYS A 135 -9.89 5.17 3.76
N THR A 136 -10.19 6.38 4.22
CA THR A 136 -9.20 7.48 4.37
C THR A 136 -8.79 7.57 5.84
N TRP A 137 -7.48 7.65 6.05
CA TRP A 137 -6.87 7.79 7.39
C TRP A 137 -6.18 9.15 7.45
N VAL A 138 -6.28 9.78 8.63
CA VAL A 138 -5.74 11.11 8.95
C VAL A 138 -5.00 11.02 10.29
N PHE A 139 -4.02 11.89 10.52
CA PHE A 139 -3.37 11.99 11.84
C PHE A 139 -4.46 12.12 12.89
N ASP A 140 -4.25 11.48 14.02
CA ASP A 140 -5.13 11.54 15.22
C ASP A 140 -4.81 12.83 15.97
N ARG A 141 -5.01 13.97 15.31
CA ARG A 141 -4.56 15.31 15.77
C ARG A 141 -5.24 15.67 17.10
N ALA A 142 -6.41 15.10 17.37
CA ALA A 142 -7.21 15.44 18.56
C ALA A 142 -6.72 14.71 19.82
N HIS A 143 -5.72 13.81 19.75
CA HIS A 143 -5.17 13.11 20.92
C HIS A 143 -3.66 13.29 21.00
N ASP A 144 -3.13 13.29 22.22
CA ASP A 144 -1.67 13.22 22.47
C ASP A 144 -1.14 11.94 21.83
N GLY A 145 0.09 12.01 21.32
CA GLY A 145 0.87 10.82 20.96
C GLY A 145 0.63 10.38 19.54
N HIS A 146 0.12 11.27 18.67
CA HIS A 146 -0.22 10.94 17.25
C HIS A 146 1.02 11.11 16.37
N PHE A 147 2.09 11.66 16.94
CA PHE A 147 3.34 11.98 16.22
C PHE A 147 4.41 12.09 17.29
N GLY A 148 5.57 11.48 17.08
CA GLY A 148 6.58 11.42 18.13
C GLY A 148 7.89 10.86 17.65
N VAL A 149 8.96 11.16 18.42
CA VAL A 149 10.35 10.74 18.10
C VAL A 149 10.98 10.15 19.36
N GLY A 150 11.77 9.10 19.14
CA GLY A 150 12.50 8.38 20.19
C GLY A 150 13.57 7.48 19.61
N PRO A 151 14.35 6.78 20.47
CA PRO A 151 15.32 5.82 20.00
C PRO A 151 14.58 4.82 19.09
N GLY A 152 15.06 4.59 17.86
CA GLY A 152 14.39 3.66 16.93
C GLY A 152 14.74 2.20 17.23
N ALA A 153 14.13 1.27 16.49
CA ALA A 153 14.23 -0.16 16.79
C ALA A 153 15.67 -0.72 16.63
N GLY A 154 16.59 -0.09 15.90
CA GLY A 154 17.98 -0.62 15.87
C GLY A 154 18.90 0.04 16.90
N ASN A 155 18.34 0.95 17.69
CA ASN A 155 19.09 1.81 18.66
C ASN A 155 19.20 1.01 19.95
N PRO A 156 20.39 0.99 20.61
CA PRO A 156 20.52 0.25 21.87
C PRO A 156 19.54 0.76 22.94
N ASP A 157 19.13 2.02 22.84
CA ASP A 157 18.23 2.67 23.83
C ASP A 157 16.75 2.48 23.50
N TYR A 158 16.43 1.76 22.43
CA TYR A 158 15.03 1.49 22.01
C TYR A 158 14.23 1.00 23.22
N ASN A 159 13.11 1.65 23.48
CA ASN A 159 12.16 1.27 24.56
C ASN A 159 10.76 1.12 23.98
N GLY A 160 10.62 1.15 22.65
CA GLY A 160 9.34 0.93 21.96
C GLY A 160 8.39 2.11 21.99
N THR A 161 8.78 3.27 22.56
CA THR A 161 7.96 4.52 22.61
C THR A 161 8.74 5.72 22.06
N PRO A 162 8.04 6.79 21.61
CA PRO A 162 8.69 8.07 21.30
C PRO A 162 9.00 8.82 22.61
N SER A 163 10.04 8.38 23.31
CA SER A 163 10.41 8.86 24.67
C SER A 163 11.14 10.22 24.62
N TRP A 164 11.60 10.71 23.47
CA TRP A 164 12.31 12.01 23.39
C TRP A 164 11.28 13.14 23.29
N TRP A 165 10.32 13.02 22.37
CA TRP A 165 9.23 14.01 22.18
C TRP A 165 7.99 13.30 21.61
N SER A 166 6.86 13.47 22.28
CA SER A 166 5.52 12.99 21.88
C SER A 166 4.61 14.20 21.70
N CYS A 167 4.03 14.35 20.51
CA CYS A 167 3.23 15.54 20.12
C CYS A 167 1.97 15.56 20.96
N PRO A 168 1.66 16.65 21.71
CA PRO A 168 0.36 16.77 22.35
C PRO A 168 -0.72 17.02 21.28
N ALA A 169 -1.97 16.80 21.65
CA ALA A 169 -3.14 17.10 20.80
C ALA A 169 -2.92 18.46 20.11
N GLU A 170 -3.10 18.51 18.79
CA GLU A 170 -3.06 19.72 17.94
C GLU A 170 -1.67 20.35 17.87
N GLY A 171 -0.64 19.70 18.37
CA GLY A 171 0.70 20.34 18.47
C GLY A 171 1.29 20.70 17.13
N LYS A 172 0.91 20.04 16.03
CA LYS A 172 1.43 20.32 14.68
C LYS A 172 0.33 20.83 13.74
N ALA A 173 -0.64 21.57 14.31
CA ALA A 173 -1.69 22.32 13.55
C ALA A 173 -1.03 23.29 12.57
N GLU A 174 0.01 24.03 13.00
CA GLU A 174 0.60 25.15 12.21
C GLU A 174 1.75 24.63 11.35
N CYS A 175 1.47 23.64 10.51
CA CYS A 175 2.36 23.12 9.44
C CYS A 175 1.56 22.21 8.50
N ALA A 176 2.21 21.63 7.49
CA ALA A 176 1.56 20.84 6.44
C ALA A 176 1.24 19.39 6.90
N LEU A 177 1.67 18.99 8.10
CA LEU A 177 1.63 17.55 8.50
C LEU A 177 0.22 16.99 8.32
N TYR A 178 -0.78 17.58 8.98
CA TYR A 178 -2.15 17.00 9.07
C TYR A 178 -2.89 17.12 7.74
N GLU A 179 -2.35 17.83 6.76
CA GLU A 179 -2.99 17.99 5.44
C GLU A 179 -2.82 16.71 4.61
N ASN A 180 -1.96 15.78 5.06
CA ASN A 180 -1.63 14.54 4.32
C ASN A 180 -2.56 13.42 4.74
N GLU A 181 -3.37 12.96 3.78
CA GLU A 181 -4.46 11.98 3.99
C GLU A 181 -4.21 10.79 3.08
N PHE A 182 -4.46 9.58 3.59
CA PHE A 182 -4.10 8.32 2.94
C PHE A 182 -5.36 7.47 2.83
N SER A 183 -5.71 7.12 1.59
CA SER A 183 -6.87 6.24 1.31
C SER A 183 -6.37 4.92 0.74
N PHE A 184 -6.93 3.83 1.26
CA PHE A 184 -6.61 2.46 0.80
C PHE A 184 -7.86 1.87 0.14
N HIS A 185 -7.66 1.11 -0.93
CA HIS A 185 -8.78 0.56 -1.72
C HIS A 185 -8.27 -0.63 -2.51
N LEU A 186 -9.07 -1.69 -2.58
CA LEU A 186 -8.62 -2.99 -3.19
C LEU A 186 -9.24 -3.07 -4.59
N ASP A 187 -9.16 -1.96 -5.33
CA ASP A 187 -9.75 -1.85 -6.69
C ASP A 187 -8.70 -2.26 -7.70
N GLY A 188 -8.50 -3.57 -7.81
CA GLY A 188 -7.61 -4.20 -8.79
C GLY A 188 -6.29 -4.64 -8.19
N GLY A 189 -6.01 -4.21 -6.96
CA GLY A 189 -4.79 -4.57 -6.24
C GLY A 189 -4.71 -3.80 -4.93
N TYR A 190 -3.54 -3.81 -4.29
CA TYR A 190 -3.30 -3.13 -2.99
C TYR A 190 -2.99 -1.68 -3.31
N ASN A 191 -4.04 -0.88 -3.41
CA ASN A 191 -4.01 0.49 -3.97
C ASN A 191 -4.08 1.51 -2.85
N MET A 192 -3.31 2.59 -2.98
N MET A 192 -3.36 2.61 -3.03
CA MET A 192 -3.35 3.73 -2.04
CA MET A 192 -3.37 3.73 -2.05
C MET A 192 -3.47 5.06 -2.81
C MET A 192 -3.44 5.07 -2.79
N THR A 193 -4.23 5.99 -2.25
CA THR A 193 -4.35 7.38 -2.72
C THR A 193 -3.82 8.30 -1.62
N TRP A 194 -2.85 9.13 -1.97
CA TRP A 194 -2.22 10.13 -1.08
C TRP A 194 -2.66 11.52 -1.52
N VAL A 195 -3.42 12.18 -0.68
CA VAL A 195 -3.88 13.58 -0.90
C VAL A 195 -3.11 14.49 0.07
N ASN A 196 -2.67 15.63 -0.43
CA ASN A 196 -2.23 16.75 0.45
C ASN A 196 -2.59 18.10 -0.19
N LYS A 197 -2.21 19.17 0.47
CA LYS A 197 -2.34 20.54 -0.10
C LYS A 197 -0.97 21.03 -0.61
N GLY A 198 -0.22 20.12 -1.23
CA GLY A 198 1.04 20.36 -1.97
C GLY A 198 2.28 20.34 -1.09
N LYS A 199 2.14 20.18 0.21
CA LYS A 199 3.32 20.12 1.11
C LYS A 199 3.36 18.88 2.02
N ILE A 200 4.58 18.49 2.37
CA ILE A 200 4.83 17.54 3.48
C ILE A 200 5.60 18.22 4.61
N TYR A 201 5.70 17.55 5.76
CA TYR A 201 6.40 18.05 6.94
C TYR A 201 7.66 17.23 7.19
N THR A 202 8.75 17.86 7.63
CA THR A 202 10.04 17.18 7.83
C THR A 202 10.92 18.11 8.68
N ASN A 203 12.16 17.70 8.91
CA ASN A 203 13.14 18.48 9.71
C ASN A 203 14.31 18.79 8.78
N GLY A 204 15.36 19.42 9.27
CA GLY A 204 16.53 19.74 8.44
C GLY A 204 17.12 18.55 7.71
N ALA A 205 17.41 17.46 8.41
CA ALA A 205 17.97 16.25 7.79
C ALA A 205 17.05 15.78 6.64
N GLY A 206 15.73 15.83 6.83
CA GLY A 206 14.79 15.41 5.75
C GLY A 206 14.79 16.37 4.57
N LYS A 207 14.73 17.68 4.82
CA LYS A 207 14.57 18.67 3.72
C LYS A 207 15.79 18.59 2.81
N ASP A 208 16.97 18.21 3.33
CA ASP A 208 18.24 18.14 2.56
C ASP A 208 18.14 17.02 1.52
N LYS A 209 17.20 16.07 1.64
CA LYS A 209 17.09 14.97 0.66
C LYS A 209 15.92 15.21 -0.30
N LEU A 210 15.21 16.33 -0.21
CA LEU A 210 14.04 16.59 -1.08
C LEU A 210 14.28 17.83 -1.93
N PRO A 211 13.82 17.81 -3.19
CA PRO A 211 14.10 18.90 -4.10
C PRO A 211 13.18 20.09 -3.93
N GLY A 212 12.02 19.93 -3.30
CA GLY A 212 11.00 21.00 -3.28
C GLY A 212 11.44 22.16 -2.40
N VAL A 213 10.88 23.34 -2.65
CA VAL A 213 11.12 24.54 -1.79
C VAL A 213 10.67 24.24 -0.36
N ALA A 214 11.52 24.62 0.58
CA ALA A 214 11.29 24.47 2.03
C ALA A 214 10.87 25.82 2.63
N THR A 215 9.92 25.79 3.55
CA THR A 215 9.43 26.96 4.30
C THR A 215 9.41 26.54 5.77
N VAL A 216 9.55 27.51 6.66
CA VAL A 216 9.45 27.26 8.12
C VAL A 216 8.08 27.74 8.57
N PRO A 217 7.17 26.83 8.95
CA PRO A 217 5.84 27.23 9.40
C PRO A 217 5.81 27.50 10.90
N GLY A 218 4.64 27.79 11.43
CA GLY A 218 4.51 28.20 12.84
C GLY A 218 5.04 27.14 13.78
N ALA A 219 4.87 25.85 13.45
CA ALA A 219 5.23 24.71 14.32
C ALA A 219 6.75 24.48 14.29
N GLY A 220 7.47 25.21 13.46
CA GLY A 220 8.93 25.02 13.27
C GLY A 220 9.24 23.86 12.33
N ASP A 221 10.51 23.51 12.26
CA ASP A 221 11.04 22.60 11.22
C ASP A 221 10.47 23.11 9.88
N PHE A 222 10.19 22.23 8.92
CA PHE A 222 10.02 22.60 7.51
C PHE A 222 8.81 21.93 6.88
N ASP A 223 7.97 22.73 6.22
CA ASP A 223 7.09 22.30 5.11
C ASP A 223 7.98 22.25 3.87
N VAL A 224 7.85 21.20 3.08
CA VAL A 224 8.57 21.05 1.77
C VAL A 224 7.49 20.82 0.73
N GLU A 225 7.57 21.55 -0.37
CA GLU A 225 6.63 21.29 -1.49
C GLU A 225 6.89 19.88 -1.98
N TYR A 226 5.81 19.10 -2.06
CA TYR A 226 5.90 17.67 -2.40
C TYR A 226 4.50 17.24 -2.79
N ILE A 227 4.34 17.02 -4.07
CA ILE A 227 3.06 16.62 -4.71
C ILE A 227 3.06 15.10 -4.89
N PRO A 228 2.11 14.41 -4.26
CA PRO A 228 2.03 12.94 -4.39
C PRO A 228 1.74 12.55 -5.84
N LYS A 229 2.22 11.39 -6.27
CA LYS A 229 1.72 10.74 -7.50
C LYS A 229 0.21 10.60 -7.36
N GLU A 230 -0.48 10.43 -8.47
CA GLU A 230 -1.96 10.26 -8.46
C GLU A 230 -2.32 8.86 -7.95
N ALA A 231 -1.43 7.86 -8.07
CA ALA A 231 -1.73 6.46 -7.68
C ALA A 231 -0.50 5.81 -7.05
N TYR A 232 -0.74 5.06 -5.98
CA TYR A 232 0.33 4.28 -5.30
C TYR A 232 -0.16 2.85 -5.10
N THR A 233 0.77 1.96 -4.82
CA THR A 233 0.43 0.63 -4.26
C THR A 233 1.10 0.49 -2.90
N PHE A 234 0.78 -0.58 -2.20
CA PHE A 234 1.42 -0.95 -0.92
C PHE A 234 1.47 -2.47 -0.83
N THR A 235 2.37 -2.94 0.02
CA THR A 235 2.44 -4.35 0.47
C THR A 235 2.36 -4.36 1.99
N VAL A 236 1.67 -5.37 2.51
CA VAL A 236 1.71 -5.82 3.92
C VAL A 236 2.29 -7.23 3.92
N ASP A 237 3.28 -7.45 4.77
CA ASP A 237 3.94 -8.76 4.98
C ASP A 237 4.23 -8.80 6.47
N GLY A 238 3.43 -9.56 7.22
CA GLY A 238 3.44 -9.58 8.68
C GLY A 238 3.09 -8.21 9.21
N ASP A 239 3.99 -7.55 9.93
CA ASP A 239 3.73 -6.20 10.50
C ASP A 239 4.41 -5.12 9.63
N LYS A 240 5.01 -5.50 8.50
CA LYS A 240 5.76 -4.58 7.60
C LYS A 240 4.85 -4.01 6.51
N LEU A 241 4.64 -2.69 6.53
CA LEU A 241 3.83 -1.90 5.54
C LEU A 241 4.81 -1.09 4.70
N LYS A 242 4.89 -1.43 3.42
CA LYS A 242 5.73 -0.74 2.43
C LYS A 242 4.87 0.00 1.40
N LEU A 243 5.16 1.28 1.22
CA LEU A 243 4.55 2.14 0.18
C LEU A 243 5.41 2.12 -1.08
N SER A 244 4.77 2.16 -2.27
CA SER A 244 5.48 2.27 -3.57
C SER A 244 6.04 3.69 -3.80
N ASP A 245 6.94 3.82 -4.79
CA ASP A 245 7.28 5.13 -5.40
C ASP A 245 7.75 6.11 -4.33
N ASP A 246 8.45 5.63 -3.31
CA ASP A 246 9.15 6.43 -2.28
C ASP A 246 8.14 7.22 -1.46
N ALA A 247 6.90 6.77 -1.37
CA ALA A 247 5.87 7.43 -0.54
C ALA A 247 6.19 7.27 0.96
N PHE A 248 5.61 8.17 1.77
CA PHE A 248 5.75 8.22 3.23
C PHE A 248 4.46 8.83 3.77
N PHE A 249 4.22 8.68 5.07
CA PHE A 249 2.97 9.10 5.75
C PHE A 249 3.02 10.57 6.20
N GLY A 250 3.29 11.47 5.25
CA GLY A 250 3.09 12.93 5.41
C GLY A 250 4.30 13.59 6.06
N HIS A 251 4.92 12.88 6.98
CA HIS A 251 6.23 13.22 7.61
C HIS A 251 7.34 12.48 6.89
N PHE A 252 8.33 13.20 6.40
CA PHE A 252 9.46 12.59 5.67
C PHE A 252 10.62 12.24 6.62
N ALA A 253 11.05 10.97 6.59
CA ALA A 253 12.24 10.47 7.32
C ALA A 253 13.10 9.57 6.43
N GLY A 254 13.01 9.75 5.11
CA GLY A 254 13.81 9.03 4.11
C GLY A 254 13.47 7.55 3.95
N THR A 255 12.32 7.09 4.44
CA THR A 255 11.91 5.66 4.31
C THR A 255 10.44 5.52 3.92
N SER A 256 10.13 4.42 3.26
CA SER A 256 8.79 4.04 2.75
C SER A 256 8.34 2.77 3.49
N THR A 257 9.17 2.27 4.42
CA THR A 257 8.86 1.08 5.25
C THR A 257 8.36 1.54 6.61
N TYR A 258 7.22 0.99 7.03
CA TYR A 258 6.61 1.19 8.37
C TYR A 258 6.40 -0.16 9.06
N THR A 259 6.49 -0.15 10.39
CA THR A 259 6.13 -1.29 11.23
C THR A 259 4.76 -0.98 11.84
N ILE A 260 3.79 -1.82 11.54
CA ILE A 260 2.41 -1.71 12.10
C ILE A 260 2.48 -2.21 13.53
N LYS A 261 2.23 -1.33 14.50
CA LYS A 261 2.22 -1.66 15.95
C LYS A 261 0.78 -1.97 16.35
N THR A 262 -0.18 -1.24 15.78
CA THR A 262 -1.62 -1.44 16.07
C THR A 262 -2.39 -1.22 14.77
N LEU A 263 -3.31 -2.11 14.43
CA LEU A 263 -4.20 -1.85 13.29
C LEU A 263 -5.56 -2.48 13.57
N ASN A 264 -6.58 -1.65 13.69
CA ASN A 264 -8.01 -2.08 13.78
C ASN A 264 -8.85 -1.04 13.06
N GLU A 265 -10.17 -1.16 13.10
CA GLU A 265 -11.05 -0.30 12.28
C GLU A 265 -10.98 1.16 12.77
N ASN A 266 -10.46 1.40 13.98
CA ASN A 266 -10.47 2.76 14.58
C ASN A 266 -9.07 3.34 14.66
N GLU A 267 -8.01 2.56 14.38
CA GLU A 267 -6.65 3.04 14.71
C GLU A 267 -5.57 2.37 13.84
N LEU A 268 -4.66 3.18 13.31
CA LEU A 268 -3.39 2.70 12.70
C LEU A 268 -2.21 3.37 13.41
N TYR A 269 -1.41 2.57 14.14
CA TYR A 269 -0.25 3.06 14.94
C TYR A 269 1.01 2.49 14.31
N LEU A 270 1.92 3.38 13.91
CA LEU A 270 3.09 3.05 13.06
C LEU A 270 4.38 3.51 13.76
N GLU A 271 5.41 2.70 13.63
CA GLU A 271 6.82 3.07 13.84
C GLU A 271 7.46 3.12 12.46
N CYS A 272 8.52 3.90 12.43
CA CYS A 272 9.32 4.20 11.24
C CYS A 272 10.77 4.25 11.75
N SER A 273 11.75 3.70 11.02
CA SER A 273 13.18 3.96 11.29
C SER A 273 13.72 5.02 10.30
N SER A 274 14.14 6.16 10.83
CA SER A 274 14.70 7.25 9.99
C SER A 274 15.87 6.68 9.20
N ALA A 275 15.89 6.94 7.90
CA ALA A 275 17.07 6.71 7.06
C ALA A 275 17.92 8.00 6.93
N VAL A 276 17.50 9.12 7.51
CA VAL A 276 18.27 10.41 7.39
C VAL A 276 18.91 10.79 8.73
N GLU A 277 18.46 10.27 9.86
CA GLU A 277 19.08 10.45 11.20
C GLU A 277 19.22 9.08 11.86
N SER A 278 20.42 8.52 11.78
CA SER A 278 20.73 7.15 12.24
C SER A 278 20.22 6.97 13.67
N GLY A 279 19.36 5.97 13.89
CA GLY A 279 18.94 5.61 15.26
C GLY A 279 17.78 6.44 15.75
N ASN A 280 17.26 7.37 14.95
CA ASN A 280 16.02 8.09 15.32
C ASN A 280 14.83 7.28 14.82
N GLY A 281 13.89 6.97 15.72
CA GLY A 281 12.63 6.32 15.34
C GLY A 281 11.47 7.31 15.41
N TRP A 282 10.51 7.20 14.49
CA TRP A 282 9.28 8.02 14.53
C TRP A 282 8.06 7.14 14.74
N TRP A 283 7.08 7.72 15.40
CA TRP A 283 5.77 7.14 15.71
C TRP A 283 4.68 8.02 15.10
N TYR A 284 3.64 7.37 14.57
CA TYR A 284 2.50 8.09 13.99
C TYR A 284 1.23 7.33 14.37
N ARG A 285 0.21 8.07 14.78
CA ARG A 285 -1.13 7.47 14.94
C ARG A 285 -2.13 8.11 13.97
N PHE A 286 -2.75 7.25 13.14
CA PHE A 286 -3.80 7.63 12.18
C PHE A 286 -5.13 7.04 12.69
N VAL A 287 -6.21 7.75 12.41
CA VAL A 287 -7.60 7.32 12.69
C VAL A 287 -8.39 7.62 11.42
N PRO A 288 -9.58 7.01 11.26
CA PRO A 288 -10.41 7.25 10.08
C PRO A 288 -10.81 8.73 10.00
N LYS A 289 -10.83 9.27 8.80
CA LYS A 289 -11.39 10.61 8.54
C LYS A 289 -12.89 10.62 8.89
N LYS A 290 -13.37 11.76 9.41
CA LYS A 290 -14.77 12.11 9.80
C LYS A 290 -15.21 11.23 10.97
C GAI B . -15.07 -14.93 -3.89
N1 GAI B . -14.93 -13.81 -4.54
N2 GAI B . -15.87 -14.98 -2.81
N3 GAI B . -14.43 -16.07 -4.27
HN1 GAI B . -15.45 -13.14 -4.14
HN21 GAI B . -16.32 -14.25 -2.57
HN22 GAI B . -15.97 -15.73 -2.37
HN31 GAI B . -13.91 -16.06 -4.99
HN32 GAI B . -14.54 -16.82 -3.82
C GAI C . 6.99 13.16 -5.63
N1 GAI C . 6.84 14.44 -5.42
N2 GAI C . 8.21 12.59 -5.70
N3 GAI C . 5.93 12.33 -5.79
HN1 GAI C . 7.67 14.86 -5.34
HN21 GAI C . 8.93 13.09 -5.60
HN22 GAI C . 8.28 11.73 -5.84
HN31 GAI C . 5.11 12.66 -5.74
HN32 GAI C . 6.07 11.47 -5.92
C GAI D . -17.12 -5.41 1.69
N1 GAI D . -17.01 -4.14 1.49
N2 GAI D . -16.29 -6.07 2.52
N3 GAI D . -18.04 -6.14 1.04
HN1 GAI D . -16.31 -3.79 1.99
HN21 GAI D . -15.65 -5.63 2.94
HN22 GAI D . -16.39 -6.94 2.63
HN31 GAI D . -18.58 -5.75 0.47
HN32 GAI D . -18.10 -7.00 1.18
C GAI E . 1.89 10.93 -11.47
N1 GAI E . 0.75 11.34 -11.05
N2 GAI E . 2.88 11.77 -11.70
N3 GAI E . 2.13 9.66 -11.62
HN1 GAI E . 0.74 12.26 -10.96
HN21 GAI E . 2.77 12.64 -11.57
HN22 GAI E . 3.66 11.47 -11.98
HN31 GAI E . 1.49 9.07 -11.44
HN32 GAI E . 2.92 9.37 -11.90
C1 PEG F . 8.00 20.17 18.85
O1 PEG F . 7.83 21.47 18.31
C2 PEG F . 9.17 19.44 18.29
O2 PEG F . 8.86 18.99 16.98
C3 PEG F . 9.86 18.17 16.41
C4 PEG F . 9.30 17.43 15.23
O4 PEG F . 9.02 18.27 14.15
H11 PEG F . 7.20 19.64 18.68
H12 PEG F . 8.14 20.24 19.83
HO1 PEG F . 7.16 21.84 18.66
H21 PEG F . 9.39 18.67 18.85
H22 PEG F . 9.95 20.04 18.25
H31 PEG F . 10.18 17.53 17.07
H32 PEG F . 10.62 18.72 16.12
H41 PEG F . 8.47 16.99 15.50
H42 PEG F . 9.95 16.76 14.93
HO4 PEG F . 9.22 19.07 14.36
C1 PEG G . -5.39 -14.49 3.29
O1 PEG G . -5.82 -14.87 4.59
C2 PEG G . -4.27 -15.36 2.80
O2 PEG G . -3.16 -14.54 2.48
C3 PEG G . -2.92 -14.41 1.08
C4 PEG G . -2.48 -13.02 0.77
O4 PEG G . -1.32 -12.98 -0.02
H11 PEG G . -5.08 -13.56 3.32
H12 PEG G . -6.14 -14.57 2.67
HO1 PEG G . -6.45 -14.36 4.83
H21 PEG G . -4.56 -15.84 1.99
H22 PEG G . -4.02 -16.01 3.48
H31 PEG G . -3.75 -14.62 0.59
H32 PEG G . -2.22 -15.04 0.81
H41 PEG G . -2.29 -12.55 1.61
H42 PEG G . -3.20 -12.57 0.29
HO4 PEG G . -1.07 -13.78 -0.18
#